data_2RMI
#
_entry.id   2RMI
#
_entity_poly.entity_id   1
_entity_poly.type   'polypeptide(L)'
_entity_poly.pdbx_seq_one_letter_code
;(DPN)HLLREVLE(NLE)ARAEQLAQEAHKNRKL(NLE)EII
;
_entity_poly.pdbx_strand_id   A
#
# COMPACT_ATOMS: atom_id res chain seq x y z
N HIS A 2 6.74 1.32 21.08
CA HIS A 2 7.41 0.45 20.12
C HIS A 2 6.47 -0.62 19.61
N LEU A 3 6.95 -1.38 18.62
CA LEU A 3 6.19 -2.46 17.99
C LEU A 3 5.00 -1.92 17.19
N LEU A 4 4.07 -1.25 17.88
CA LEU A 4 2.90 -0.68 17.22
C LEU A 4 3.29 0.17 16.01
N ARG A 5 4.32 1.01 16.18
CA ARG A 5 4.79 1.86 15.09
C ARG A 5 5.25 1.02 13.90
N GLU A 6 5.94 -0.08 14.18
CA GLU A 6 6.40 -0.99 13.14
C GLU A 6 5.20 -1.63 12.46
N VAL A 7 4.19 -1.95 13.26
CA VAL A 7 2.96 -2.57 12.76
C VAL A 7 2.19 -1.60 11.88
N LEU A 8 2.00 -0.37 12.36
CA LEU A 8 1.29 0.63 11.58
C LEU A 8 2.10 1.02 10.34
N GLU A 9 3.42 0.87 10.42
CA GLU A 9 4.29 1.17 9.30
C GLU A 9 4.32 -0.02 8.34
N ALA A 11 1.74 -1.87 7.62
CA ALA A 11 0.55 -1.70 6.80
C ALA A 11 0.70 -0.46 5.91
N ARG A 12 1.57 0.47 6.34
CA ARG A 12 1.83 1.69 5.61
C ARG A 12 2.81 1.41 4.47
N ALA A 13 2.84 2.29 3.47
CA ALA A 13 3.74 2.12 2.33
C ALA A 13 3.40 0.86 1.52
N GLU A 14 3.45 -0.29 2.17
CA GLU A 14 3.15 -1.57 1.53
C GLU A 14 1.76 -1.56 0.90
N GLN A 15 0.74 -1.27 1.70
CA GLN A 15 -0.64 -1.21 1.22
C GLN A 15 -0.76 -0.35 -0.04
N LEU A 16 0.07 0.70 -0.14
CA LEU A 16 0.06 1.59 -1.30
C LEU A 16 1.02 1.10 -2.36
N ALA A 17 2.26 0.80 -1.98
CA ALA A 17 3.24 0.31 -2.94
C ALA A 17 2.65 -0.86 -3.73
N GLN A 18 1.87 -1.70 -3.04
CA GLN A 18 1.22 -2.84 -3.67
C GLN A 18 -0.05 -2.40 -4.40
N GLU A 19 -0.82 -1.51 -3.76
CA GLU A 19 -2.05 -0.99 -4.36
C GLU A 19 -1.74 -0.08 -5.56
N ALA A 20 -0.64 0.65 -5.51
CA ALA A 20 -0.28 1.51 -6.61
C ALA A 20 0.04 0.65 -7.83
N HIS A 21 0.76 -0.44 -7.59
CA HIS A 21 1.10 -1.38 -8.64
C HIS A 21 -0.17 -2.00 -9.24
N LYS A 22 -1.25 -2.05 -8.45
CA LYS A 22 -2.53 -2.58 -8.92
C LYS A 22 -3.42 -1.45 -9.46
N ASN A 23 -3.47 -0.34 -8.71
CA ASN A 23 -4.26 0.82 -9.14
C ASN A 23 -3.79 1.31 -10.50
N ARG A 24 -2.46 1.37 -10.67
CA ARG A 24 -1.87 1.79 -11.96
C ARG A 24 -2.44 0.96 -13.10
N LYS A 25 -2.78 -0.30 -12.82
CA LYS A 25 -3.33 -1.20 -13.83
C LYS A 25 -4.80 -0.88 -14.06
N LEU A 26 -5.60 -0.87 -12.99
CA LEU A 26 -7.01 -0.55 -13.09
C LEU A 26 -7.21 0.84 -13.71
N GLU A 28 -5.90 1.92 -16.34
CA GLU A 28 -6.02 1.76 -17.79
C GLU A 28 -7.49 1.53 -18.15
N ILE A 29 -8.19 0.82 -17.29
CA ILE A 29 -9.61 0.53 -17.48
C ILE A 29 -10.46 1.68 -16.94
N ILE A 30 -10.03 2.28 -15.84
CA ILE A 30 -10.74 3.41 -15.23
C ILE A 30 -9.94 4.70 -15.36
N HIS A 2 9.06 -0.43 18.12
CA HIS A 2 7.71 0.02 18.41
C HIS A 2 6.70 -1.06 18.01
N LEU A 3 5.47 -0.90 18.48
CA LEU A 3 4.43 -1.88 18.15
C LEU A 3 3.30 -1.27 17.33
N LEU A 4 2.28 -0.73 17.98
CA LEU A 4 1.15 -0.11 17.29
C LEU A 4 1.65 0.79 16.16
N ARG A 5 2.62 1.65 16.49
CA ARG A 5 3.19 2.56 15.50
C ARG A 5 4.00 1.84 14.44
N GLU A 6 4.78 0.83 14.83
CA GLU A 6 5.56 0.07 13.85
C GLU A 6 4.62 -0.76 12.98
N VAL A 7 3.56 -1.26 13.59
CA VAL A 7 2.57 -2.07 12.88
C VAL A 7 1.78 -1.20 11.90
N LEU A 8 1.31 -0.05 12.38
CA LEU A 8 0.58 0.86 11.51
C LEU A 8 1.45 1.31 10.35
N GLU A 9 2.76 1.41 10.61
CA GLU A 9 3.71 1.80 9.59
C GLU A 9 4.01 0.60 8.68
N ALA A 11 1.77 -1.62 7.85
CA ALA A 11 0.64 -1.64 6.94
C ALA A 11 0.73 -0.43 6.00
N ARG A 12 1.17 0.70 6.55
CA ARG A 12 1.36 1.93 5.78
C ARG A 12 2.44 1.73 4.72
N ALA A 13 2.44 2.57 3.70
CA ALA A 13 3.43 2.46 2.63
C ALA A 13 3.23 1.17 1.83
N GLU A 14 3.35 0.03 2.51
CA GLU A 14 3.16 -1.28 1.89
C GLU A 14 1.78 -1.38 1.24
N GLN A 15 0.73 -1.20 2.04
CA GLN A 15 -0.64 -1.26 1.55
C GLN A 15 -0.82 -0.47 0.25
N LEU A 16 -0.11 0.66 0.15
CA LEU A 16 -0.20 1.50 -1.04
C LEU A 16 0.83 1.08 -2.08
N ALA A 17 2.09 0.92 -1.69
CA ALA A 17 3.12 0.50 -2.63
C ALA A 17 2.68 -0.75 -3.38
N GLN A 18 1.99 -1.66 -2.66
CA GLN A 18 1.49 -2.89 -3.27
C GLN A 18 0.19 -2.61 -4.05
N GLU A 19 -0.68 -1.80 -3.47
CA GLU A 19 -1.95 -1.45 -4.11
C GLU A 19 -1.74 -0.51 -5.29
N ALA A 20 -0.81 0.42 -5.17
CA ALA A 20 -0.52 1.36 -6.25
C ALA A 20 -0.08 0.60 -7.49
N HIS A 21 0.79 -0.40 -7.29
CA HIS A 21 1.25 -1.24 -8.40
C HIS A 21 0.03 -1.83 -9.13
N LYS A 22 -1.06 -2.04 -8.39
CA LYS A 22 -2.29 -2.57 -8.95
C LYS A 22 -3.18 -1.41 -9.41
N ASN A 23 -3.42 -0.47 -8.51
CA ASN A 23 -4.23 0.71 -8.82
C ASN A 23 -3.71 1.42 -10.06
N ARG A 24 -2.40 1.56 -10.14
CA ARG A 24 -1.76 2.20 -11.29
C ARG A 24 -2.17 1.51 -12.59
N LYS A 25 -2.44 0.20 -12.51
CA LYS A 25 -2.84 -0.58 -13.67
C LYS A 25 -4.33 -0.40 -13.97
N LEU A 26 -5.15 -0.50 -12.94
CA LEU A 26 -6.61 -0.34 -13.08
C LEU A 26 -6.96 0.92 -13.89
N GLU A 28 -5.67 1.87 -16.56
CA GLU A 28 -5.62 1.55 -17.99
C GLU A 28 -6.96 0.97 -18.45
N ILE A 29 -7.71 0.40 -17.51
CA ILE A 29 -9.01 -0.20 -17.80
C ILE A 29 -10.17 0.65 -17.28
N ILE A 30 -9.93 1.42 -16.21
CA ILE A 30 -10.94 2.29 -15.60
C ILE A 30 -12.31 1.59 -15.49
N HIS A 2 8.33 0.59 20.25
CA HIS A 2 8.55 -0.14 19.01
C HIS A 2 7.46 -1.17 18.76
N LEU A 3 7.58 -1.84 17.63
CA LEU A 3 6.64 -2.88 17.20
C LEU A 3 5.31 -2.26 16.81
N LEU A 4 4.63 -1.62 17.77
CA LEU A 4 3.35 -0.97 17.51
C LEU A 4 3.49 0.05 16.36
N ARG A 5 4.52 0.90 16.46
CA ARG A 5 4.78 1.91 15.44
C ARG A 5 5.19 1.24 14.12
N GLU A 6 5.95 0.16 14.22
CA GLU A 6 6.40 -0.58 13.06
C GLU A 6 5.23 -1.24 12.35
N VAL A 7 4.25 -1.69 13.14
CA VAL A 7 3.07 -2.34 12.60
C VAL A 7 2.13 -1.32 11.94
N LEU A 8 1.93 -0.18 12.59
CA LEU A 8 1.07 0.86 12.03
C LEU A 8 1.71 1.46 10.78
N GLU A 9 3.03 1.39 10.70
CA GLU A 9 3.76 1.88 9.53
C GLU A 9 3.80 0.79 8.46
N ALA A 11 1.26 -1.31 7.94
CA ALA A 11 -0.07 -1.25 7.32
C ALA A 11 -0.12 -0.04 6.38
N ARG A 12 0.70 0.97 6.69
CA ARG A 12 0.79 2.17 5.87
C ARG A 12 1.80 1.96 4.74
N ALA A 13 1.68 2.74 3.67
CA ALA A 13 2.58 2.61 2.54
C ALA A 13 2.40 1.28 1.82
N GLU A 14 2.59 0.18 2.55
CA GLU A 14 2.44 -1.17 2.01
C GLU A 14 1.07 -1.36 1.36
N GLN A 15 0.00 -0.97 2.05
CA GLN A 15 -1.35 -1.10 1.51
C GLN A 15 -1.53 -0.27 0.24
N LEU A 16 -0.64 0.70 0.03
CA LEU A 16 -0.70 1.56 -1.16
C LEU A 16 0.31 1.07 -2.19
N ALA A 17 1.56 0.90 -1.78
CA ALA A 17 2.60 0.42 -2.68
C ALA A 17 2.16 -0.88 -3.36
N GLN A 18 1.44 -1.73 -2.61
CA GLN A 18 0.95 -3.00 -3.14
C GLN A 18 -0.27 -2.78 -4.05
N GLU A 19 -1.18 -1.90 -3.63
CA GLU A 19 -2.38 -1.59 -4.41
C GLU A 19 -2.05 -0.70 -5.59
N ALA A 20 -1.12 0.23 -5.41
CA ALA A 20 -0.72 1.13 -6.50
C ALA A 20 -0.23 0.32 -7.69
N HIS A 21 0.58 -0.69 -7.43
CA HIS A 21 1.09 -1.57 -8.47
C HIS A 21 -0.08 -2.22 -9.22
N LYS A 22 -1.22 -2.34 -8.54
CA LYS A 22 -2.43 -2.92 -9.12
C LYS A 22 -3.32 -1.80 -9.68
N ASN A 23 -3.56 -0.79 -8.85
CA ASN A 23 -4.37 0.35 -9.26
C ASN A 23 -3.84 0.96 -10.54
N ARG A 24 -2.53 1.15 -10.62
CA ARG A 24 -1.90 1.71 -11.81
C ARG A 24 -2.20 0.87 -13.05
N LYS A 25 -2.43 -0.43 -12.86
CA LYS A 25 -2.75 -1.33 -13.96
C LYS A 25 -4.18 -1.08 -14.43
N LEU A 26 -5.12 -1.15 -13.49
CA LEU A 26 -6.51 -0.90 -13.81
C LEU A 26 -6.73 0.58 -14.15
N GLU A 28 -5.24 2.23 -16.41
CA GLU A 28 -5.25 2.35 -17.86
C GLU A 28 -6.65 2.06 -18.39
N ILE A 29 -7.33 1.12 -17.72
CA ILE A 29 -8.69 0.76 -18.07
C ILE A 29 -9.68 1.76 -17.46
N ILE A 30 -9.36 2.23 -16.25
CA ILE A 30 -10.20 3.19 -15.55
C ILE A 30 -9.57 4.58 -15.61
N HIS A 2 7.57 0.69 21.12
CA HIS A 2 8.11 -0.15 20.06
C HIS A 2 7.05 -1.06 19.48
N LEU A 3 7.40 -1.73 18.38
CA LEU A 3 6.51 -2.65 17.68
C LEU A 3 5.34 -1.90 17.02
N LEU A 4 4.55 -1.19 17.83
CA LEU A 4 3.40 -0.42 17.34
C LEU A 4 3.74 0.35 16.06
N ARG A 5 4.83 1.12 16.10
CA ARG A 5 5.25 1.90 14.94
C ARG A 5 5.51 1.00 13.73
N GLU A 6 6.22 -0.10 13.95
CA GLU A 6 6.51 -1.06 12.89
C GLU A 6 5.21 -1.66 12.36
N VAL A 7 4.25 -1.88 13.26
CA VAL A 7 2.96 -2.44 12.88
C VAL A 7 2.15 -1.42 12.10
N LEU A 8 2.08 -0.19 12.60
CA LEU A 8 1.35 0.86 11.91
C LEU A 8 2.06 1.27 10.62
N GLU A 9 3.36 1.01 10.55
CA GLU A 9 4.14 1.31 9.37
C GLU A 9 3.99 0.20 8.34
N ALA A 11 1.22 -1.48 7.83
CA ALA A 11 -0.06 -1.21 7.19
C ALA A 11 0.02 0.06 6.35
N ARG A 12 1.00 0.91 6.65
CA ARG A 12 1.20 2.15 5.93
C ARG A 12 2.12 1.93 4.74
N ALA A 13 1.95 2.73 3.70
CA ALA A 13 2.77 2.61 2.48
C ALA A 13 2.53 1.28 1.75
N GLU A 14 2.74 0.17 2.46
CA GLU A 14 2.56 -1.17 1.89
C GLU A 14 1.17 -1.37 1.29
N GLN A 15 0.13 -0.87 1.97
CA GLN A 15 -1.24 -1.00 1.48
C GLN A 15 -1.43 -0.32 0.11
N LEU A 16 -0.58 0.65 -0.20
CA LEU A 16 -0.65 1.35 -1.47
C LEU A 16 0.51 0.96 -2.37
N ALA A 17 1.72 0.90 -1.81
CA ALA A 17 2.89 0.53 -2.61
C ALA A 17 2.61 -0.75 -3.41
N GLN A 18 1.89 -1.68 -2.80
CA GLN A 18 1.52 -2.92 -3.47
C GLN A 18 0.27 -2.72 -4.33
N GLU A 19 -0.64 -1.87 -3.85
CA GLU A 19 -1.87 -1.56 -4.58
C GLU A 19 -1.61 -0.66 -5.77
N ALA A 20 -0.67 0.27 -5.64
CA ALA A 20 -0.35 1.16 -6.76
C ALA A 20 -0.02 0.34 -8.00
N HIS A 21 0.71 -0.75 -7.80
CA HIS A 21 1.08 -1.67 -8.88
C HIS A 21 -0.19 -2.25 -9.51
N LYS A 22 -1.27 -2.31 -8.72
CA LYS A 22 -2.56 -2.81 -9.20
C LYS A 22 -3.40 -1.64 -9.69
N ASN A 23 -3.54 -0.63 -8.82
CA ASN A 23 -4.29 0.57 -9.16
C ASN A 23 -3.83 1.13 -10.49
N ARG A 24 -2.51 1.27 -10.65
CA ARG A 24 -1.94 1.77 -11.89
C ARG A 24 -2.48 1.01 -13.09
N LYS A 25 -2.79 -0.27 -12.90
CA LYS A 25 -3.33 -1.10 -13.96
C LYS A 25 -4.80 -0.77 -14.19
N LEU A 26 -5.59 -0.84 -13.13
CA LEU A 26 -7.01 -0.51 -13.22
C LEU A 26 -7.21 0.92 -13.69
N GLU A 28 -5.45 2.24 -16.05
CA GLU A 28 -5.25 2.21 -17.49
C GLU A 28 -6.53 1.69 -18.16
N ILE A 29 -7.33 0.95 -17.40
CA ILE A 29 -8.59 0.39 -17.90
C ILE A 29 -9.78 1.31 -17.59
N ILE A 30 -9.68 2.08 -16.51
CA ILE A 30 -10.77 2.99 -16.12
C ILE A 30 -10.77 4.25 -16.99
N HIS A 2 6.41 0.36 21.61
CA HIS A 2 7.07 -0.35 20.52
C HIS A 2 6.08 -1.25 19.78
N LEU A 3 6.57 -1.90 18.72
CA LEU A 3 5.76 -2.80 17.91
C LEU A 3 4.71 -2.05 17.09
N LEU A 4 3.84 -1.30 17.77
CA LEU A 4 2.79 -0.53 17.10
C LEU A 4 3.34 0.21 15.88
N ARG A 5 4.42 0.96 16.07
CA ARG A 5 5.04 1.71 14.98
C ARG A 5 5.41 0.79 13.83
N GLU A 6 6.02 -0.34 14.15
CA GLU A 6 6.41 -1.34 13.14
C GLU A 6 5.19 -1.74 12.31
N VAL A 7 4.06 -1.92 13.00
CA VAL A 7 2.81 -2.28 12.34
C VAL A 7 2.29 -1.11 11.52
N LEU A 8 2.31 0.07 12.13
CA LEU A 8 1.88 1.28 11.42
C LEU A 8 2.75 1.50 10.19
N GLU A 9 4.02 1.11 10.29
CA GLU A 9 4.95 1.21 9.19
C GLU A 9 4.76 0.04 8.22
N ALA A 11 1.77 -1.32 7.66
CA ALA A 11 0.56 -0.98 6.92
C ALA A 11 0.85 0.17 5.95
N ARG A 12 1.90 0.94 6.25
CA ARG A 12 2.33 2.04 5.42
C ARG A 12 3.27 1.54 4.33
N ALA A 13 3.46 2.33 3.28
CA ALA A 13 4.34 1.94 2.18
C ALA A 13 3.82 0.71 1.42
N GLU A 14 3.67 -0.41 2.14
CA GLU A 14 3.18 -1.66 1.55
C GLU A 14 1.80 -1.46 0.90
N GLN A 15 0.76 -1.32 1.72
CA GLN A 15 -0.58 -1.11 1.22
C GLN A 15 -0.57 -0.15 0.03
N LEU A 16 0.15 0.95 0.16
CA LEU A 16 0.25 1.92 -0.92
C LEU A 16 0.97 1.36 -2.13
N ALA A 17 2.20 0.90 -1.94
CA ALA A 17 2.95 0.31 -3.04
C ALA A 17 2.17 -0.84 -3.67
N GLN A 18 1.44 -1.58 -2.82
CA GLN A 18 0.64 -2.71 -3.30
C GLN A 18 -0.59 -2.21 -4.07
N GLU A 19 -1.31 -1.24 -3.50
CA GLU A 19 -2.49 -0.70 -4.15
C GLU A 19 -2.10 0.17 -5.34
N ALA A 20 -1.06 0.97 -5.20
CA ALA A 20 -0.61 1.81 -6.31
C ALA A 20 -0.24 0.94 -7.50
N HIS A 21 0.54 -0.10 -7.24
CA HIS A 21 0.92 -1.05 -8.28
C HIS A 21 -0.34 -1.64 -8.93
N LYS A 22 -1.44 -1.67 -8.17
CA LYS A 22 -2.72 -2.17 -8.67
C LYS A 22 -3.51 -1.04 -9.31
N ASN A 23 -3.66 0.06 -8.57
CA ASN A 23 -4.37 1.25 -9.05
C ASN A 23 -3.90 1.64 -10.44
N ARG A 24 -2.58 1.76 -10.59
CA ARG A 24 -1.99 2.13 -11.87
C ARG A 24 -2.44 1.19 -13.00
N LYS A 25 -2.83 -0.04 -12.66
CA LYS A 25 -3.30 -1.00 -13.65
C LYS A 25 -4.76 -0.77 -13.99
N LEU A 26 -5.61 -0.72 -12.97
CA LEU A 26 -7.04 -0.51 -13.15
C LEU A 26 -7.32 0.75 -13.97
N GLU A 28 -5.87 1.55 -16.66
CA GLU A 28 -5.81 1.21 -18.08
C GLU A 28 -7.19 0.74 -18.57
N ILE A 29 -7.90 0.06 -17.67
CA ILE A 29 -9.25 -0.44 -17.98
C ILE A 29 -10.31 0.59 -17.61
N ILE A 30 -10.06 1.37 -16.55
CA ILE A 30 -11.00 2.40 -16.10
C ILE A 30 -10.29 3.74 -15.92
N HIS A 2 8.85 0.53 20.82
CA HIS A 2 7.52 0.67 20.22
C HIS A 2 7.16 -0.56 19.39
N LEU A 3 5.87 -0.66 19.04
CA LEU A 3 5.37 -1.78 18.25
C LEU A 3 4.18 -1.36 17.39
N LEU A 4 3.12 -0.85 18.03
CA LEU A 4 1.92 -0.42 17.30
C LEU A 4 2.29 0.48 16.11
N ARG A 5 3.13 1.49 16.37
CA ARG A 5 3.57 2.40 15.31
C ARG A 5 4.27 1.64 14.19
N GLU A 6 5.08 0.66 14.57
CA GLU A 6 5.80 -0.17 13.60
C GLU A 6 4.82 -1.11 12.89
N VAL A 7 3.78 -1.52 13.60
CA VAL A 7 2.77 -2.40 13.05
C VAL A 7 1.84 -1.64 12.09
N LEU A 8 1.41 -0.44 12.49
CA LEU A 8 0.56 0.36 11.63
C LEU A 8 1.35 0.85 10.42
N GLU A 9 2.66 0.99 10.59
CA GLU A 9 3.53 1.40 9.51
C GLU A 9 3.73 0.25 8.53
N ALA A 11 1.47 -1.87 7.59
CA ALA A 11 0.33 -1.79 6.68
C ALA A 11 0.48 -0.56 5.79
N ARG A 12 1.03 0.50 6.38
CA ARG A 12 1.27 1.76 5.67
C ARG A 12 2.31 1.55 4.58
N ALA A 13 2.31 2.42 3.57
CA ALA A 13 3.26 2.32 2.47
C ALA A 13 2.98 1.06 1.64
N GLU A 14 3.08 -0.10 2.29
CA GLU A 14 2.83 -1.39 1.62
C GLU A 14 1.46 -1.40 0.95
N GLN A 15 0.43 -0.94 1.68
CA GLN A 15 -0.94 -0.89 1.14
C GLN A 15 -1.02 -0.01 -0.12
N LEU A 16 0.03 0.76 -0.42
CA LEU A 16 0.05 1.62 -1.59
C LEU A 16 1.17 1.20 -2.55
N ALA A 17 2.38 1.03 -2.03
CA ALA A 17 3.50 0.61 -2.86
C ALA A 17 3.15 -0.64 -3.65
N GLN A 18 2.36 -1.53 -3.04
CA GLN A 18 1.93 -2.75 -3.71
C GLN A 18 0.64 -2.50 -4.48
N GLU A 19 -0.19 -1.58 -3.96
CA GLU A 19 -1.46 -1.24 -4.60
C GLU A 19 -1.26 -0.32 -5.80
N ALA A 20 -0.22 0.51 -5.78
CA ALA A 20 0.04 1.39 -6.92
C ALA A 20 0.29 0.56 -8.17
N HIS A 21 0.99 -0.55 -8.01
CA HIS A 21 1.27 -1.46 -9.12
C HIS A 21 -0.02 -2.10 -9.65
N LYS A 22 -1.05 -2.16 -8.80
CA LYS A 22 -2.35 -2.71 -9.21
C LYS A 22 -3.26 -1.58 -9.66
N ASN A 23 -3.31 -0.51 -8.86
CA ASN A 23 -4.12 0.65 -9.19
C ASN A 23 -3.76 1.17 -10.57
N ARG A 24 -2.45 1.33 -10.80
CA ARG A 24 -1.95 1.80 -12.10
C ARG A 24 -2.56 1.00 -13.25
N LYS A 25 -2.85 -0.29 -13.00
CA LYS A 25 -3.44 -1.16 -14.00
C LYS A 25 -4.92 -0.88 -14.16
N LEU A 26 -5.66 -0.93 -13.06
CA LEU A 26 -7.09 -0.66 -13.10
C LEU A 26 -7.36 0.73 -13.69
N GLU A 28 -5.93 1.88 -16.28
CA GLU A 28 -5.91 1.75 -17.74
C GLU A 28 -7.32 1.43 -18.24
N ILE A 29 -8.04 0.63 -17.46
CA ILE A 29 -9.42 0.27 -17.78
C ILE A 29 -10.38 1.39 -17.39
N ILE A 30 -10.05 2.07 -16.29
CA ILE A 30 -10.87 3.17 -15.79
C ILE A 30 -10.21 4.52 -16.09
N HIS A 2 6.49 0.97 21.52
CA HIS A 2 7.20 0.17 20.53
C HIS A 2 6.26 -0.81 19.84
N LEU A 3 6.78 -1.45 18.80
CA LEU A 3 6.03 -2.43 18.00
C LEU A 3 4.90 -1.76 17.20
N LEU A 4 3.96 -1.12 17.92
CA LEU A 4 2.84 -0.44 17.28
C LEU A 4 3.31 0.43 16.11
N ARG A 5 4.32 1.27 16.35
CA ARG A 5 4.86 2.15 15.31
C ARG A 5 5.39 1.34 14.13
N GLU A 6 5.98 0.18 14.41
CA GLU A 6 6.49 -0.69 13.37
C GLU A 6 5.32 -1.41 12.68
N VAL A 7 4.29 -1.71 13.45
CA VAL A 7 3.10 -2.37 12.94
C VAL A 7 2.31 -1.43 12.03
N LEU A 8 2.09 -0.20 12.47
CA LEU A 8 1.37 0.76 11.66
C LEU A 8 2.16 1.13 10.41
N GLU A 9 3.49 0.98 10.49
CA GLU A 9 4.35 1.25 9.36
C GLU A 9 4.34 0.04 8.41
N ALA A 11 1.73 -1.76 7.65
CA ALA A 11 0.57 -1.60 6.79
C ALA A 11 0.76 -0.41 5.85
N ARG A 12 1.62 0.53 6.27
CA ARG A 12 1.92 1.71 5.48
C ARG A 12 2.97 1.40 4.42
N ALA A 13 3.05 2.25 3.39
CA ALA A 13 4.03 2.06 2.31
C ALA A 13 3.73 0.79 1.51
N GLU A 14 3.75 -0.36 2.18
CA GLU A 14 3.47 -1.64 1.52
C GLU A 14 2.14 -1.61 0.79
N GLN A 15 1.04 -1.45 1.54
CA GLN A 15 -0.28 -1.39 0.96
C GLN A 15 -0.29 -0.59 -0.34
N LEU A 16 0.20 0.65 -0.27
CA LEU A 16 0.24 1.50 -1.46
C LEU A 16 1.27 0.98 -2.46
N ALA A 17 2.50 0.70 -2.00
CA ALA A 17 3.52 0.18 -2.89
C ALA A 17 2.99 -1.03 -3.65
N GLN A 18 2.19 -1.85 -2.96
CA GLN A 18 1.58 -3.03 -3.58
C GLN A 18 0.33 -2.64 -4.37
N GLU A 19 -0.48 -1.74 -3.78
CA GLU A 19 -1.71 -1.28 -4.42
C GLU A 19 -1.41 -0.39 -5.62
N ALA A 20 -0.32 0.35 -5.58
CA ALA A 20 0.04 1.20 -6.69
C ALA A 20 0.23 0.36 -7.96
N HIS A 21 0.79 -0.84 -7.78
CA HIS A 21 0.98 -1.76 -8.89
C HIS A 21 -0.38 -2.24 -9.44
N LYS A 22 -1.42 -2.18 -8.60
CA LYS A 22 -2.77 -2.58 -9.02
C LYS A 22 -3.53 -1.33 -9.48
N ASN A 23 -3.51 -0.29 -8.65
CA ASN A 23 -4.18 0.97 -8.98
C ASN A 23 -3.70 1.49 -10.34
N ARG A 24 -2.39 1.40 -10.60
CA ARG A 24 -1.82 1.85 -11.87
C ARG A 24 -2.47 1.13 -13.06
N LYS A 25 -2.98 -0.09 -12.83
CA LYS A 25 -3.60 -0.87 -13.89
C LYS A 25 -5.07 -0.51 -14.09
N LEU A 26 -5.84 -0.54 -13.00
CA LEU A 26 -7.27 -0.21 -13.07
C LEU A 26 -7.52 1.12 -13.79
N GLU A 28 -6.23 2.03 -16.50
CA GLU A 28 -6.31 1.78 -17.94
C GLU A 28 -7.73 1.38 -18.32
N ILE A 29 -8.45 0.77 -17.38
CA ILE A 29 -9.83 0.34 -17.59
C ILE A 29 -10.80 1.47 -17.27
N ILE A 30 -10.47 2.28 -16.26
CA ILE A 30 -11.32 3.39 -15.85
C ILE A 30 -10.99 4.66 -16.66
N HIS A 2 8.88 1.00 19.37
CA HIS A 2 7.47 1.07 18.99
C HIS A 2 6.91 -0.30 18.65
N LEU A 3 5.59 -0.37 18.54
CA LEU A 3 4.91 -1.62 18.21
C LEU A 3 3.66 -1.36 17.35
N LEU A 4 2.57 -0.93 17.99
CA LEU A 4 1.32 -0.63 17.27
C LEU A 4 1.62 0.20 16.03
N ARG A 5 2.34 1.30 16.22
CA ARG A 5 2.72 2.18 15.12
C ARG A 5 3.59 1.44 14.11
N GLU A 6 4.56 0.68 14.62
CA GLU A 6 5.45 -0.11 13.76
C GLU A 6 4.61 -1.00 12.84
N VAL A 7 3.58 -1.62 13.41
CA VAL A 7 2.68 -2.48 12.64
C VAL A 7 1.86 -1.64 11.66
N LEU A 8 1.33 -0.52 12.15
CA LEU A 8 0.57 0.37 11.30
C LEU A 8 1.43 0.87 10.16
N GLU A 9 2.73 1.04 10.44
CA GLU A 9 3.69 1.47 9.42
C GLU A 9 4.04 0.30 8.51
N ALA A 11 1.86 -2.04 7.65
CA ALA A 11 0.72 -2.13 6.75
C ALA A 11 0.72 -0.94 5.81
N ARG A 12 1.02 0.24 6.36
CA ARG A 12 1.10 1.47 5.59
C ARG A 12 2.25 1.40 4.59
N ALA A 13 2.23 2.28 3.59
CA ALA A 13 3.27 2.28 2.56
C ALA A 13 3.21 1.00 1.73
N GLU A 14 3.39 -0.14 2.37
CA GLU A 14 3.33 -1.45 1.70
C GLU A 14 2.00 -1.60 0.97
N GLN A 15 0.89 -1.54 1.72
CA GLN A 15 -0.45 -1.67 1.12
C GLN A 15 -0.56 -0.83 -0.15
N LEU A 16 -0.01 0.38 -0.11
CA LEU A 16 -0.04 1.29 -1.25
C LEU A 16 1.04 0.92 -2.26
N ALA A 17 2.27 0.78 -1.80
CA ALA A 17 3.36 0.42 -2.70
C ALA A 17 3.03 -0.85 -3.48
N GLN A 18 2.31 -1.78 -2.84
CA GLN A 18 1.91 -3.02 -3.51
C GLN A 18 0.64 -2.82 -4.33
N GLU A 19 -0.30 -2.05 -3.79
CA GLU A 19 -1.57 -1.77 -4.48
C GLU A 19 -1.37 -0.75 -5.59
N ALA A 20 -0.47 0.21 -5.42
CA ALA A 20 -0.23 1.21 -6.44
C ALA A 20 0.15 0.53 -7.75
N HIS A 21 0.97 -0.52 -7.65
CA HIS A 21 1.37 -1.29 -8.84
C HIS A 21 0.13 -1.90 -9.49
N LYS A 22 -0.91 -2.12 -8.68
CA LYS A 22 -2.18 -2.68 -9.15
C LYS A 22 -3.12 -1.55 -9.55
N ASN A 23 -3.31 -0.59 -8.63
CA ASN A 23 -4.16 0.55 -8.88
C ASN A 23 -3.76 1.26 -10.18
N ARG A 24 -2.46 1.39 -10.41
CA ARG A 24 -1.96 2.03 -11.63
C ARG A 24 -2.48 1.31 -12.87
N LYS A 25 -2.71 -0.01 -12.76
CA LYS A 25 -3.22 -0.80 -13.86
C LYS A 25 -4.71 -0.55 -14.05
N LEU A 26 -5.46 -0.70 -12.97
CA LEU A 26 -6.89 -0.46 -13.00
C LEU A 26 -7.19 0.93 -13.57
N GLU A 28 -5.83 2.19 -16.12
CA GLU A 28 -5.83 2.09 -17.58
C GLU A 28 -7.24 1.80 -18.08
N ILE A 29 -7.96 0.99 -17.31
CA ILE A 29 -9.34 0.64 -17.64
C ILE A 29 -10.32 1.66 -17.04
N ILE A 30 -9.99 2.18 -15.86
CA ILE A 30 -10.85 3.16 -15.19
C ILE A 30 -10.02 4.32 -14.64
N HIS A 2 9.13 1.92 20.32
CA HIS A 2 7.88 1.86 19.56
C HIS A 2 7.57 0.42 19.13
N LEU A 3 6.31 0.15 18.81
CA LEU A 3 5.88 -1.18 18.40
C LEU A 3 4.59 -1.14 17.58
N LEU A 4 3.48 -0.74 18.22
CA LEU A 4 2.19 -0.65 17.52
C LEU A 4 2.33 0.13 16.22
N ARG A 5 2.90 1.33 16.29
CA ARG A 5 3.09 2.16 15.10
C ARG A 5 3.94 1.43 14.06
N GLU A 6 4.94 0.67 14.52
CA GLU A 6 5.79 -0.09 13.61
C GLU A 6 4.94 -1.07 12.80
N VAL A 7 3.98 -1.70 13.48
CA VAL A 7 3.06 -2.64 12.84
C VAL A 7 2.11 -1.87 11.93
N LEU A 8 1.59 -0.75 12.44
CA LEU A 8 0.70 0.09 11.65
C LEU A 8 1.43 0.58 10.40
N GLU A 9 2.73 0.81 10.55
CA GLU A 9 3.56 1.25 9.45
C GLU A 9 3.84 0.09 8.51
N ALA A 11 1.63 -2.27 7.81
CA ALA A 11 0.41 -2.36 7.00
C ALA A 11 0.33 -1.16 6.07
N ARG A 12 0.81 -0.01 6.55
CA ARG A 12 0.82 1.21 5.77
C ARG A 12 1.87 1.12 4.67
N ALA A 13 1.75 1.97 3.64
CA ALA A 13 2.69 1.96 2.52
C ALA A 13 2.60 0.68 1.70
N GLU A 14 2.83 -0.47 2.35
CA GLU A 14 2.77 -1.77 1.68
C GLU A 14 1.40 -1.97 1.02
N GLN A 15 0.33 -1.87 1.80
CA GLN A 15 -1.04 -2.04 1.28
C GLN A 15 -1.27 -1.18 0.04
N LEU A 16 -0.61 -0.01 -0.03
CA LEU A 16 -0.75 0.88 -1.18
C LEU A 16 0.29 0.56 -2.24
N ALA A 17 1.57 0.47 -1.84
CA ALA A 17 2.63 0.16 -2.78
C ALA A 17 2.30 -1.10 -3.58
N GLN A 18 1.66 -2.07 -2.91
CA GLN A 18 1.27 -3.32 -3.57
C GLN A 18 0.07 -3.12 -4.51
N GLU A 19 -0.93 -2.37 -4.05
CA GLU A 19 -2.12 -2.09 -4.85
C GLU A 19 -1.85 -1.02 -5.89
N ALA A 20 -1.01 -0.05 -5.56
CA ALA A 20 -0.68 1.01 -6.51
C ALA A 20 -0.09 0.39 -7.76
N HIS A 21 0.85 -0.52 -7.58
CA HIS A 21 1.48 -1.22 -8.70
C HIS A 21 0.40 -1.83 -9.60
N LYS A 22 -0.75 -2.16 -9.01
CA LYS A 22 -1.88 -2.72 -9.74
C LYS A 22 -2.82 -1.59 -10.15
N ASN A 23 -3.10 -0.70 -9.21
CA ASN A 23 -3.98 0.45 -9.45
C ASN A 23 -3.55 1.21 -10.70
N ARG A 24 -2.27 1.57 -10.80
CA ARG A 24 -1.79 2.31 -11.98
C ARG A 24 -2.05 1.52 -13.27
N LYS A 25 -2.16 0.19 -13.16
CA LYS A 25 -2.44 -0.65 -14.32
C LYS A 25 -3.89 -0.51 -14.73
N LEU A 26 -4.80 -0.74 -13.78
CA LEU A 26 -6.22 -0.62 -14.04
C LEU A 26 -6.63 0.85 -14.25
N GLU A 28 -5.81 2.71 -16.57
CA GLU A 28 -6.09 2.92 -17.98
C GLU A 28 -7.56 2.63 -18.26
N ILE A 29 -8.11 1.67 -17.52
CA ILE A 29 -9.52 1.30 -17.65
C ILE A 29 -10.38 2.14 -16.70
N ILE A 30 -9.85 2.43 -15.52
CA ILE A 30 -10.55 3.22 -14.51
C ILE A 30 -9.78 4.48 -14.17
N HIS A 2 8.95 -0.98 20.48
CA HIS A 2 7.80 -0.42 19.76
C HIS A 2 6.99 -1.52 19.09
N LEU A 3 5.76 -1.17 18.68
CA LEU A 3 4.87 -2.12 18.01
C LEU A 3 3.83 -1.40 17.16
N LEU A 4 2.96 -0.62 17.81
CA LEU A 4 1.91 0.13 17.11
C LEU A 4 2.47 0.86 15.88
N ARG A 5 3.56 1.58 16.07
CA ARG A 5 4.19 2.31 14.97
C ARG A 5 4.69 1.37 13.89
N GLU A 6 5.33 0.27 14.30
CA GLU A 6 5.83 -0.72 13.35
C GLU A 6 4.67 -1.40 12.63
N VAL A 7 3.57 -1.62 13.37
CA VAL A 7 2.39 -2.25 12.81
C VAL A 7 1.64 -1.28 11.90
N LEU A 8 1.48 -0.04 12.34
CA LEU A 8 0.81 0.98 11.53
C LEU A 8 1.68 1.34 10.33
N GLU A 9 3.00 1.14 10.47
CA GLU A 9 3.94 1.41 9.40
C GLU A 9 3.84 0.32 8.34
N ALA A 11 1.08 -1.17 7.46
CA ALA A 11 -0.09 -0.81 6.66
C ALA A 11 0.21 0.46 5.86
N ARG A 12 1.08 1.31 6.41
CA ARG A 12 1.48 2.54 5.76
C ARG A 12 2.51 2.27 4.67
N ALA A 13 2.53 3.11 3.63
CA ALA A 13 3.48 2.94 2.53
C ALA A 13 3.23 1.65 1.76
N GLU A 14 3.31 0.52 2.45
CA GLU A 14 3.09 -0.80 1.83
C GLU A 14 1.78 -0.83 1.08
N GLN A 15 0.66 -0.65 1.79
CA GLN A 15 -0.64 -0.65 1.15
C GLN A 15 -0.62 0.10 -0.16
N LEU A 16 -0.20 1.37 -0.14
CA LEU A 16 -0.13 2.18 -1.34
C LEU A 16 0.96 1.66 -2.29
N ALA A 17 2.16 1.41 -1.77
CA ALA A 17 3.23 0.88 -2.61
C ALA A 17 2.73 -0.33 -3.38
N GLN A 18 1.93 -1.16 -2.71
CA GLN A 18 1.35 -2.35 -3.33
C GLN A 18 0.13 -1.96 -4.16
N GLU A 19 -0.70 -1.06 -3.61
CA GLU A 19 -1.90 -0.58 -4.30
C GLU A 19 -1.52 0.19 -5.56
N ALA A 20 -0.42 0.91 -5.51
CA ALA A 20 0.02 1.66 -6.67
C ALA A 20 0.38 0.69 -7.80
N HIS A 21 0.87 -0.48 -7.43
CA HIS A 21 1.22 -1.51 -8.39
C HIS A 21 -0.06 -2.16 -8.96
N LYS A 22 -1.18 -2.04 -8.24
CA LYS A 22 -2.45 -2.60 -8.70
C LYS A 22 -3.33 -1.50 -9.29
N ASN A 23 -3.30 -0.32 -8.67
CA ASN A 23 -4.07 0.83 -9.13
C ASN A 23 -3.65 1.21 -10.54
N ARG A 24 -2.33 1.31 -10.75
CA ARG A 24 -1.81 1.67 -12.06
C ARG A 24 -2.33 0.72 -13.15
N LYS A 25 -2.66 -0.52 -12.76
CA LYS A 25 -3.17 -1.51 -13.70
C LYS A 25 -4.64 -1.24 -14.02
N LEU A 26 -5.48 -1.20 -12.99
CA LEU A 26 -6.91 -0.95 -13.18
C LEU A 26 -7.15 0.39 -13.91
N GLU A 28 -5.79 1.31 -16.61
CA GLU A 28 -5.80 1.08 -18.05
C GLU A 28 -7.20 0.70 -18.53
N ILE A 29 -7.98 0.10 -17.63
CA ILE A 29 -9.35 -0.32 -17.93
C ILE A 29 -10.39 0.68 -17.41
N ILE A 30 -10.04 1.42 -16.34
CA ILE A 30 -10.92 2.41 -15.74
C ILE A 30 -12.34 1.85 -15.51
N HIS A 2 9.17 1.23 19.23
CA HIS A 2 7.74 1.17 18.92
C HIS A 2 7.30 -0.26 18.62
N LEU A 3 5.98 -0.43 18.51
CA LEU A 3 5.40 -1.73 18.22
C LEU A 3 4.08 -1.59 17.45
N LEU A 4 3.02 -1.17 18.13
CA LEU A 4 1.72 -0.98 17.49
C LEU A 4 1.87 -0.14 16.23
N ARG A 5 2.49 1.03 16.37
CA ARG A 5 2.71 1.91 15.22
C ARG A 5 3.60 1.24 14.18
N GLU A 6 4.62 0.49 14.63
CA GLU A 6 5.50 -0.21 13.71
C GLU A 6 4.67 -1.12 12.82
N VAL A 7 3.70 -1.81 13.43
CA VAL A 7 2.80 -2.68 12.70
C VAL A 7 1.87 -1.86 11.81
N LEU A 8 1.32 -0.79 12.38
CA LEU A 8 0.45 0.11 11.63
C LEU A 8 1.22 0.70 10.45
N GLU A 9 2.52 0.91 10.66
CA GLU A 9 3.40 1.43 9.65
C GLU A 9 3.80 0.32 8.68
N ALA A 11 1.72 -2.01 7.70
CA ALA A 11 0.60 -2.03 6.78
C ALA A 11 0.59 -0.74 5.95
N ARG A 12 1.09 0.34 6.57
CA ARG A 12 1.20 1.64 5.92
C ARG A 12 2.23 1.57 4.80
N ALA A 13 2.08 2.44 3.80
CA ALA A 13 3.01 2.47 2.67
C ALA A 13 2.89 1.18 1.85
N GLU A 14 3.15 0.04 2.48
CA GLU A 14 3.05 -1.26 1.82
C GLU A 14 1.67 -1.44 1.17
N GLN A 15 0.62 -1.22 1.95
CA GLN A 15 -0.76 -1.35 1.46
C GLN A 15 -0.96 -0.64 0.12
N LEU A 16 -0.26 0.49 -0.08
CA LEU A 16 -0.37 1.23 -1.32
C LEU A 16 0.81 0.93 -2.24
N ALA A 17 2.02 0.88 -1.69
CA ALA A 17 3.20 0.58 -2.52
C ALA A 17 2.95 -0.64 -3.40
N GLN A 18 2.27 -1.64 -2.83
CA GLN A 18 1.94 -2.86 -3.58
C GLN A 18 0.68 -2.64 -4.41
N GLU A 19 -0.30 -1.93 -3.83
CA GLU A 19 -1.56 -1.63 -4.51
C GLU A 19 -1.35 -0.64 -5.65
N ALA A 20 -0.38 0.25 -5.53
CA ALA A 20 -0.11 1.21 -6.58
C ALA A 20 0.23 0.47 -7.87
N HIS A 21 0.89 -0.68 -7.74
CA HIS A 21 1.24 -1.50 -8.91
C HIS A 21 -0.02 -2.13 -9.53
N LYS A 22 -1.10 -2.23 -8.74
CA LYS A 22 -2.37 -2.78 -9.23
C LYS A 22 -3.34 -1.65 -9.56
N ASN A 23 -3.44 -0.67 -8.66
CA ASN A 23 -4.33 0.46 -8.88
C ASN A 23 -4.00 1.18 -10.18
N ARG A 24 -2.70 1.37 -10.47
CA ARG A 24 -2.30 2.03 -11.71
C ARG A 24 -2.76 1.25 -12.92
N LYS A 25 -2.93 -0.07 -12.77
CA LYS A 25 -3.38 -0.92 -13.86
C LYS A 25 -4.86 -0.71 -14.14
N LEU A 26 -5.68 -0.87 -13.11
CA LEU A 26 -7.11 -0.64 -13.25
C LEU A 26 -7.37 0.79 -13.72
N GLU A 28 -5.56 2.23 -15.97
CA GLU A 28 -5.28 2.25 -17.40
C GLU A 28 -6.57 2.02 -18.17
N ILE A 29 -7.41 1.14 -17.62
CA ILE A 29 -8.71 0.83 -18.21
C ILE A 29 -9.79 1.78 -17.69
N ILE A 30 -9.66 2.17 -16.42
CA ILE A 30 -10.61 3.08 -15.78
C ILE A 30 -9.91 4.32 -15.25
N HIS A 2 9.74 -1.05 18.82
CA HIS A 2 8.54 -0.54 18.15
C HIS A 2 7.35 -1.46 18.39
N LEU A 3 6.15 -0.91 18.15
CA LEU A 3 4.91 -1.64 18.32
C LEU A 3 3.73 -0.69 18.16
N LEU A 4 2.64 -1.22 17.62
CA LEU A 4 1.42 -0.42 17.38
C LEU A 4 1.69 0.58 16.26
N ARG A 5 2.58 1.54 16.54
CA ARG A 5 2.94 2.54 15.53
C ARG A 5 3.63 1.86 14.36
N GLU A 6 4.44 0.84 14.65
CA GLU A 6 5.14 0.08 13.62
C GLU A 6 4.14 -0.71 12.79
N VAL A 7 3.10 -1.21 13.46
CA VAL A 7 2.06 -1.96 12.79
C VAL A 7 1.21 -1.06 11.91
N LEU A 8 0.80 0.09 12.46
CA LEU A 8 0.00 1.04 11.68
C LEU A 8 0.82 1.63 10.55
N GLU A 9 2.14 1.64 10.72
CA GLU A 9 3.04 2.13 9.67
C GLU A 9 3.38 0.99 8.72
N ALA A 11 1.19 -1.36 7.90
CA ALA A 11 0.02 -1.45 7.03
C ALA A 11 0.05 -0.28 6.04
N ARG A 12 0.60 0.85 6.49
CA ARG A 12 0.73 2.04 5.66
C ARG A 12 1.88 1.86 4.67
N ALA A 13 1.91 2.70 3.63
CA ALA A 13 2.96 2.62 2.62
C ALA A 13 2.84 1.31 1.83
N GLU A 14 2.97 0.18 2.51
CA GLU A 14 2.86 -1.13 1.88
C GLU A 14 1.54 -1.26 1.12
N GLN A 15 0.43 -0.97 1.81
CA GLN A 15 -0.90 -1.03 1.21
C GLN A 15 -0.97 -0.26 -0.12
N LEU A 16 -0.14 0.78 -0.25
CA LEU A 16 -0.09 1.59 -1.46
C LEU A 16 1.05 1.12 -2.37
N ALA A 17 2.24 0.96 -1.79
CA ALA A 17 3.40 0.51 -2.56
C ALA A 17 3.05 -0.75 -3.36
N GLN A 18 2.24 -1.61 -2.76
CA GLN A 18 1.81 -2.85 -3.43
C GLN A 18 0.63 -2.56 -4.36
N GLU A 19 -0.30 -1.72 -3.91
CA GLU A 19 -1.48 -1.35 -4.69
C GLU A 19 -1.13 -0.42 -5.86
N ALA A 20 -0.11 0.43 -5.69
CA ALA A 20 0.28 1.33 -6.76
C ALA A 20 0.73 0.54 -7.98
N HIS A 21 1.37 -0.60 -7.74
CA HIS A 21 1.83 -1.47 -8.81
C HIS A 21 0.64 -2.14 -9.51
N LYS A 22 -0.49 -2.23 -8.79
CA LYS A 22 -1.71 -2.84 -9.35
C LYS A 22 -2.66 -1.75 -9.85
N ASN A 23 -2.80 -0.69 -9.07
CA ASN A 23 -3.64 0.44 -9.44
C ASN A 23 -3.24 0.99 -10.79
N ARG A 24 -1.94 1.26 -10.95
CA ARG A 24 -1.40 1.77 -12.21
C ARG A 24 -1.89 0.94 -13.39
N LYS A 25 -2.12 -0.36 -13.15
CA LYS A 25 -2.60 -1.26 -14.19
C LYS A 25 -4.09 -1.04 -14.43
N LEU A 26 -4.88 -1.20 -13.36
CA LEU A 26 -6.32 -0.99 -13.43
C LEU A 26 -6.67 0.42 -13.90
N GLU A 28 -6.17 1.82 -16.50
CA GLU A 28 -6.68 1.79 -17.87
C GLU A 28 -8.19 1.54 -17.87
N ILE A 29 -8.65 0.81 -16.85
CA ILE A 29 -10.07 0.49 -16.69
C ILE A 29 -10.75 1.43 -15.71
N ILE A 30 -10.01 1.91 -14.71
CA ILE A 30 -10.53 2.82 -13.70
C ILE A 30 -10.64 4.24 -14.26
N HIS A 2 8.09 0.90 19.97
CA HIS A 2 8.30 -0.14 18.96
C HIS A 2 7.07 -1.01 18.81
N LEU A 3 7.15 -1.89 17.83
CA LEU A 3 6.06 -2.83 17.53
C LEU A 3 4.78 -2.10 17.09
N LEU A 4 4.19 -1.35 18.01
CA LEU A 4 2.98 -0.58 17.71
C LEU A 4 3.19 0.28 16.47
N ARG A 5 4.29 1.04 16.45
CA ARG A 5 4.61 1.89 15.32
C ARG A 5 5.03 1.06 14.11
N GLU A 6 5.78 -0.01 14.36
CA GLU A 6 6.24 -0.89 13.31
C GLU A 6 5.06 -1.59 12.63
N VAL A 7 4.06 -1.96 13.43
CA VAL A 7 2.87 -2.63 12.89
C VAL A 7 2.01 -1.65 12.12
N LEU A 8 1.81 -0.45 12.67
CA LEU A 8 1.01 0.56 11.99
C LEU A 8 1.76 1.09 10.76
N GLU A 9 3.08 0.98 10.78
CA GLU A 9 3.90 1.39 9.67
C GLU A 9 3.98 0.25 8.65
N ALA A 11 1.48 -1.77 7.97
CA ALA A 11 0.23 -1.68 7.22
C ALA A 11 0.28 -0.45 6.30
N ARG A 12 0.96 0.59 6.76
CA ARG A 12 1.12 1.83 6.00
C ARG A 12 2.11 1.64 4.87
N ALA A 13 2.06 2.52 3.86
CA ALA A 13 2.96 2.44 2.72
C ALA A 13 2.73 1.16 1.91
N GLU A 14 2.91 0.01 2.55
CA GLU A 14 2.71 -1.28 1.90
C GLU A 14 1.31 -1.37 1.28
N GLN A 15 0.30 -1.02 2.07
CA GLN A 15 -1.09 -1.04 1.61
C GLN A 15 -1.25 -0.33 0.26
N LEU A 16 -0.45 0.72 0.04
CA LEU A 16 -0.49 1.46 -1.22
C LEU A 16 0.62 1.00 -2.16
N ALA A 17 1.83 0.84 -1.63
CA ALA A 17 2.95 0.39 -2.45
C ALA A 17 2.56 -0.85 -3.25
N GLN A 18 1.79 -1.74 -2.62
CA GLN A 18 1.31 -2.96 -3.29
C GLN A 18 0.09 -2.65 -4.16
N GLU A 19 -0.78 -1.76 -3.67
CA GLU A 19 -1.97 -1.37 -4.41
C GLU A 19 -1.63 -0.47 -5.58
N ALA A 20 -0.66 0.42 -5.43
CA ALA A 20 -0.26 1.30 -6.51
C ALA A 20 0.14 0.49 -7.73
N HIS A 21 0.87 -0.59 -7.51
CA HIS A 21 1.28 -1.49 -8.60
C HIS A 21 0.04 -1.99 -9.35
N LYS A 22 -1.09 -2.06 -8.65
CA LYS A 22 -2.35 -2.48 -9.24
C LYS A 22 -3.15 -1.27 -9.67
N ASN A 23 -3.28 -0.30 -8.77
CA ASN A 23 -3.99 0.95 -9.05
C ASN A 23 -3.48 1.60 -10.32
N ARG A 24 -2.15 1.65 -10.48
CA ARG A 24 -1.54 2.23 -11.68
C ARG A 24 -2.01 1.50 -12.95
N LYS A 25 -2.41 0.24 -12.80
CA LYS A 25 -2.88 -0.57 -13.92
C LYS A 25 -4.35 -0.31 -14.21
N LEU A 26 -5.17 -0.32 -13.15
CA LEU A 26 -6.62 -0.08 -13.27
C LEU A 26 -6.93 1.09 -14.21
N GLU A 28 -5.88 1.65 -17.01
CA GLU A 28 -6.03 1.17 -18.38
C GLU A 28 -7.49 0.81 -18.64
N ILE A 29 -8.17 0.33 -17.60
CA ILE A 29 -9.58 -0.03 -17.70
C ILE A 29 -10.48 1.11 -17.24
N ILE A 30 -10.00 1.88 -16.25
CA ILE A 30 -10.75 3.02 -15.72
C ILE A 30 -9.85 4.23 -15.54
N HIS A 2 6.52 0.52 21.14
CA HIS A 2 7.10 -0.46 20.24
C HIS A 2 6.02 -1.30 19.55
N LEU A 3 6.42 -1.97 18.47
CA LEU A 3 5.52 -2.83 17.69
C LEU A 3 4.42 -2.03 16.98
N LEU A 4 3.54 -1.41 17.76
CA LEU A 4 2.43 -0.61 17.21
C LEU A 4 2.88 0.22 16.01
N ARG A 5 3.90 1.05 16.20
CA ARG A 5 4.43 1.89 15.12
C ARG A 5 4.95 1.05 13.96
N GLU A 6 5.67 -0.02 14.27
CA GLU A 6 6.20 -0.90 13.23
C GLU A 6 5.05 -1.50 12.43
N VAL A 7 3.97 -1.83 13.12
CA VAL A 7 2.78 -2.39 12.49
C VAL A 7 2.10 -1.37 11.59
N LEU A 8 1.89 -0.16 12.10
CA LEU A 8 1.26 0.88 11.30
C LEU A 8 2.17 1.31 10.14
N GLU A 9 3.48 1.12 10.33
CA GLU A 9 4.44 1.43 9.28
C GLU A 9 4.54 0.25 8.32
N ALA A 11 2.01 -1.55 7.36
CA ALA A 11 0.91 -1.33 6.43
C ALA A 11 1.27 -0.14 5.54
N ARG A 12 1.93 0.85 6.14
CA ARG A 12 2.39 2.02 5.42
C ARG A 12 3.38 1.62 4.33
N ALA A 13 3.46 2.42 3.26
CA ALA A 13 4.36 2.11 2.16
C ALA A 13 3.93 0.85 1.41
N GLU A 14 3.87 -0.27 2.14
CA GLU A 14 3.46 -1.55 1.56
C GLU A 14 2.08 -1.44 0.93
N GLN A 15 1.04 -1.23 1.76
CA GLN A 15 -0.31 -1.08 1.25
C GLN A 15 -0.34 -0.20 0.00
N LEU A 16 0.40 0.91 0.06
CA LEU A 16 0.48 1.83 -1.06
C LEU A 16 1.23 1.22 -2.23
N ALA A 17 2.48 0.80 -2.00
CA ALA A 17 3.25 0.18 -3.07
C ALA A 17 2.52 -1.03 -3.65
N GLN A 18 1.78 -1.74 -2.81
CA GLN A 18 1.00 -2.89 -3.26
C GLN A 18 -0.26 -2.44 -4.00
N GLU A 19 -0.97 -1.48 -3.42
CA GLU A 19 -2.19 -0.95 -4.03
C GLU A 19 -1.89 -0.08 -5.24
N ALA A 20 -0.81 0.71 -5.18
CA ALA A 20 -0.44 1.56 -6.30
C ALA A 20 -0.09 0.72 -7.51
N HIS A 21 0.68 -0.35 -7.28
CA HIS A 21 1.05 -1.27 -8.33
C HIS A 21 -0.20 -1.85 -9.00
N LYS A 22 -1.31 -1.88 -8.24
CA LYS A 22 -2.60 -2.38 -8.73
C LYS A 22 -3.44 -1.22 -9.26
N ASN A 23 -3.56 -0.16 -8.45
CA ASN A 23 -4.32 1.02 -8.84
C ASN A 23 -3.84 1.56 -10.19
N ARG A 24 -2.53 1.59 -10.39
CA ARG A 24 -1.94 2.06 -11.64
C ARG A 24 -2.48 1.25 -12.83
N LYS A 25 -2.85 -0.01 -12.58
CA LYS A 25 -3.37 -0.88 -13.63
C LYS A 25 -4.83 -0.59 -13.91
N LEU A 26 -5.66 -0.67 -12.87
CA LEU A 26 -7.11 -0.41 -13.01
C LEU A 26 -7.37 0.85 -13.85
N GLU A 28 -6.05 1.62 -16.54
CA GLU A 28 -6.08 1.24 -17.96
C GLU A 28 -7.50 0.89 -18.38
N ILE A 29 -8.22 0.24 -17.46
CA ILE A 29 -9.61 -0.14 -17.69
C ILE A 29 -10.55 1.01 -17.33
N ILE A 30 -10.19 1.76 -16.28
CA ILE A 30 -10.99 2.90 -15.83
C ILE A 30 -10.26 4.21 -16.12
N HIS A 2 7.09 0.74 21.12
CA HIS A 2 7.44 0.14 19.83
C HIS A 2 6.35 -0.81 19.34
N LEU A 3 6.60 -1.39 18.18
CA LEU A 3 5.69 -2.34 17.54
C LEU A 3 4.44 -1.66 16.97
N LEU A 4 3.66 -1.01 17.84
CA LEU A 4 2.44 -0.33 17.40
C LEU A 4 2.70 0.57 16.18
N ARG A 5 3.82 1.30 16.21
CA ARG A 5 4.18 2.17 15.09
C ARG A 5 4.74 1.34 13.94
N GLU A 6 5.56 0.36 14.27
CA GLU A 6 6.15 -0.52 13.29
C GLU A 6 5.08 -1.30 12.54
N VAL A 7 4.04 -1.71 13.26
CA VAL A 7 2.95 -2.46 12.66
C VAL A 7 2.12 -1.57 11.73
N LEU A 8 1.79 -0.38 12.19
CA LEU A 8 1.03 0.55 11.36
C LEU A 8 1.87 1.03 10.18
N GLU A 9 3.19 1.02 10.37
CA GLU A 9 4.12 1.40 9.33
C GLU A 9 4.32 0.25 8.36
N ALA A 11 1.94 -1.78 7.47
CA ALA A 11 0.78 -1.69 6.60
C ALA A 11 0.89 -0.45 5.72
N ARG A 12 1.38 0.64 6.32
CA ARG A 12 1.58 1.89 5.58
C ARG A 12 2.63 1.70 4.49
N ALA A 13 2.56 2.52 3.45
CA ALA A 13 3.50 2.42 2.34
C ALA A 13 3.27 1.11 1.57
N GLU A 14 3.45 -0.02 2.26
CA GLU A 14 3.26 -1.33 1.66
C GLU A 14 1.85 -1.43 1.06
N GLN A 15 0.83 -1.06 1.85
CA GLN A 15 -0.56 -1.09 1.39
C GLN A 15 -0.71 -0.43 0.02
N LEU A 16 0.06 0.63 -0.24
CA LEU A 16 0.00 1.31 -1.53
C LEU A 16 1.10 0.82 -2.46
N ALA A 17 2.32 0.68 -1.94
CA ALA A 17 3.43 0.20 -2.77
C ALA A 17 3.01 -1.05 -3.56
N GLN A 18 2.25 -1.92 -2.92
CA GLN A 18 1.76 -3.14 -3.58
C GLN A 18 0.49 -2.83 -4.38
N GLU A 19 -0.37 -1.98 -3.83
CA GLU A 19 -1.61 -1.59 -4.49
C GLU A 19 -1.34 -0.68 -5.69
N ALA A 20 -0.25 0.07 -5.65
CA ALA A 20 0.09 0.94 -6.76
C ALA A 20 0.31 0.09 -8.01
N HIS A 21 0.94 -1.07 -7.82
CA HIS A 21 1.17 -2.01 -8.91
C HIS A 21 -0.15 -2.48 -9.51
N LYS A 22 -1.22 -2.47 -8.71
CA LYS A 22 -2.54 -2.87 -9.17
C LYS A 22 -3.35 -1.65 -9.57
N ASN A 23 -3.34 -0.62 -8.73
CA ASN A 23 -4.05 0.62 -9.00
C ASN A 23 -3.61 1.22 -10.33
N ARG A 24 -2.31 1.25 -10.57
CA ARG A 24 -1.79 1.80 -11.83
C ARG A 24 -2.38 1.07 -13.03
N LYS A 25 -2.79 -0.20 -12.85
CA LYS A 25 -3.38 -0.98 -13.92
C LYS A 25 -4.85 -0.60 -14.12
N LEU A 26 -5.64 -0.72 -13.06
CA LEU A 26 -7.06 -0.38 -13.11
C LEU A 26 -7.27 1.03 -13.70
N GLU A 28 -6.06 2.18 -16.32
CA GLU A 28 -6.19 2.08 -17.77
C GLU A 28 -7.65 1.82 -18.16
N ILE A 29 -8.39 1.19 -17.24
CA ILE A 29 -9.80 0.86 -17.48
C ILE A 29 -10.74 1.84 -16.75
N ILE A 30 -10.27 2.41 -15.64
CA ILE A 30 -11.07 3.36 -14.85
C ILE A 30 -11.57 4.53 -15.72
N HIS A 2 7.24 1.06 20.52
CA HIS A 2 7.57 0.25 19.36
C HIS A 2 6.52 -0.80 19.08
N LEU A 3 6.74 -1.54 18.00
CA LEU A 3 5.83 -2.60 17.55
C LEU A 3 4.53 -2.01 16.99
N LEU A 4 3.79 -1.30 17.83
CA LEU A 4 2.55 -0.66 17.40
C LEU A 4 2.81 0.28 16.22
N ARG A 5 3.84 1.12 16.36
CA ARG A 5 4.22 2.05 15.31
C ARG A 5 4.76 1.31 14.09
N GLU A 6 5.50 0.24 14.34
CA GLU A 6 6.07 -0.58 13.30
C GLU A 6 4.98 -1.32 12.52
N VAL A 7 3.92 -1.71 13.24
CA VAL A 7 2.81 -2.41 12.63
C VAL A 7 1.95 -1.47 11.78
N LEU A 8 1.67 -0.27 12.31
CA LEU A 8 0.88 0.70 11.56
C LEU A 8 1.68 1.19 10.35
N GLU A 9 3.01 1.16 10.47
CA GLU A 9 3.87 1.56 9.39
C GLU A 9 4.04 0.40 8.40
N ALA A 11 1.61 -1.70 7.64
CA ALA A 11 0.41 -1.64 6.82
C ALA A 11 0.52 -0.45 5.86
N ARG A 12 1.15 0.63 6.35
CA ARG A 12 1.36 1.82 5.54
C ARG A 12 2.45 1.58 4.50
N ALA A 13 2.49 2.39 3.46
CA ALA A 13 3.49 2.24 2.41
C ALA A 13 3.29 0.93 1.64
N GLU A 14 3.40 -0.19 2.36
CA GLU A 14 3.21 -1.51 1.77
C GLU A 14 1.85 -1.62 1.07
N GLN A 15 0.79 -1.23 1.77
CA GLN A 15 -0.57 -1.27 1.22
C GLN A 15 -0.66 -0.50 -0.11
N LEU A 16 0.20 0.52 -0.27
CA LEU A 16 0.22 1.31 -1.51
C LEU A 16 1.31 0.84 -2.45
N ALA A 17 2.52 0.61 -1.93
CA ALA A 17 3.62 0.13 -2.77
C ALA A 17 3.17 -1.09 -3.57
N GLN A 18 2.38 -1.95 -2.92
CA GLN A 18 1.87 -3.15 -3.57
C GLN A 18 0.62 -2.82 -4.39
N GLU A 19 -0.19 -1.88 -3.90
CA GLU A 19 -1.40 -1.45 -4.59
C GLU A 19 -1.08 -0.57 -5.78
N ALA A 20 -0.07 0.28 -5.69
CA ALA A 20 0.29 1.13 -6.81
C ALA A 20 0.52 0.26 -8.05
N HIS A 21 1.22 -0.85 -7.85
CA HIS A 21 1.48 -1.80 -8.93
C HIS A 21 0.15 -2.34 -9.51
N LYS A 22 -0.92 -2.28 -8.70
CA LYS A 22 -2.25 -2.74 -9.14
C LYS A 22 -3.12 -1.57 -9.55
N ASN A 23 -3.10 -0.49 -8.76
CA ASN A 23 -3.89 0.70 -9.05
C ASN A 23 -3.44 1.35 -10.37
N ARG A 24 -2.13 1.34 -10.62
CA ARG A 24 -1.59 1.90 -11.86
C ARG A 24 -2.16 1.15 -13.07
N LYS A 25 -2.50 -0.13 -12.87
CA LYS A 25 -3.08 -0.95 -13.94
C LYS A 25 -4.55 -0.59 -14.14
N LEU A 26 -5.30 -0.62 -13.04
CA LEU A 26 -6.74 -0.30 -13.06
C LEU A 26 -7.03 1.02 -13.79
N GLU A 28 -6.48 1.85 -16.60
CA GLU A 28 -6.98 1.56 -17.94
C GLU A 28 -8.49 1.40 -17.91
N ILE A 29 -8.99 0.87 -16.79
CA ILE A 29 -10.43 0.67 -16.60
C ILE A 29 -11.07 1.90 -15.95
N ILE A 30 -10.32 2.55 -15.07
CA ILE A 30 -10.79 3.74 -14.37
C ILE A 30 -9.86 4.93 -14.63
N HIS A 2 9.14 0.49 19.55
CA HIS A 2 7.73 0.66 19.20
C HIS A 2 7.12 -0.67 18.76
N LEU A 3 5.79 -0.68 18.62
CA LEU A 3 5.07 -1.88 18.20
C LEU A 3 3.82 -1.53 17.41
N LEU A 4 2.78 -1.02 18.09
CA LEU A 4 1.54 -0.65 17.41
C LEU A 4 1.82 0.22 16.19
N ARG A 5 2.54 1.32 16.39
CA ARG A 5 2.89 2.22 15.30
C ARG A 5 3.80 1.52 14.28
N GLU A 6 4.65 0.62 14.74
CA GLU A 6 5.53 -0.13 13.84
C GLU A 6 4.65 -0.99 12.91
N VAL A 7 3.61 -1.58 13.49
CA VAL A 7 2.66 -2.36 12.71
C VAL A 7 1.86 -1.43 11.80
N LEU A 8 1.47 -0.28 12.35
CA LEU A 8 0.74 0.73 11.58
C LEU A 8 1.61 1.16 10.40
N GLU A 9 2.92 1.20 10.62
CA GLU A 9 3.87 1.56 9.58
C GLU A 9 4.06 0.38 8.62
N ALA A 11 1.62 -1.72 7.84
CA ALA A 11 0.42 -1.67 7.01
C ALA A 11 0.54 -0.48 6.05
N ARG A 12 1.09 0.62 6.56
CA ARG A 12 1.31 1.81 5.76
C ARG A 12 2.37 1.55 4.70
N ALA A 13 2.41 2.37 3.67
CA ALA A 13 3.38 2.20 2.58
C ALA A 13 3.09 0.92 1.79
N GLU A 14 3.16 -0.22 2.46
CA GLU A 14 2.88 -1.52 1.85
C GLU A 14 1.50 -1.53 1.18
N GLN A 15 0.49 -1.10 1.94
CA GLN A 15 -0.89 -1.05 1.44
C GLN A 15 -1.03 -0.19 0.17
N LEU A 16 -0.01 0.64 -0.12
CA LEU A 16 -0.05 1.50 -1.30
C LEU A 16 1.03 1.11 -2.30
N ALA A 17 2.27 0.88 -1.82
CA ALA A 17 3.35 0.47 -2.71
C ALA A 17 2.92 -0.71 -3.57
N GLN A 18 2.15 -1.61 -2.95
CA GLN A 18 1.62 -2.78 -3.66
C GLN A 18 0.37 -2.39 -4.45
N GLU A 19 -0.44 -1.50 -3.86
CA GLU A 19 -1.66 -1.03 -4.51
C GLU A 19 -1.37 -0.12 -5.70
N ALA A 20 -0.34 0.70 -5.59
CA ALA A 20 0.00 1.58 -6.70
C ALA A 20 0.35 0.76 -7.94
N HIS A 21 0.98 -0.38 -7.74
CA HIS A 21 1.32 -1.27 -8.85
C HIS A 21 0.06 -1.93 -9.43
N LYS A 22 -1.01 -2.00 -8.63
CA LYS A 22 -2.28 -2.58 -9.09
C LYS A 22 -3.26 -1.50 -9.49
N ASN A 23 -3.27 -0.39 -8.75
CA ASN A 23 -4.14 0.74 -9.05
C ASN A 23 -3.82 1.31 -10.42
N ARG A 24 -2.53 1.53 -10.68
CA ARG A 24 -2.10 2.06 -11.97
C ARG A 24 -2.65 1.21 -13.12
N LYS A 25 -2.85 -0.09 -12.87
CA LYS A 25 -3.38 -0.99 -13.87
C LYS A 25 -4.87 -0.74 -14.06
N LEU A 26 -5.61 -0.77 -12.96
CA LEU A 26 -7.05 -0.51 -13.01
C LEU A 26 -7.32 0.84 -13.67
N GLU A 28 -5.72 1.88 -16.27
CA GLU A 28 -5.55 1.69 -17.70
C GLU A 28 -6.88 1.26 -18.33
N ILE A 29 -7.70 0.57 -17.54
CA ILE A 29 -9.00 0.09 -18.00
C ILE A 29 -10.16 0.97 -17.50
N ILE A 30 -9.96 1.63 -16.34
CA ILE A 30 -10.98 2.50 -15.75
C ILE A 30 -12.40 1.90 -15.87
N HIS A 2 7.51 1.29 19.82
CA HIS A 2 7.76 0.27 18.81
C HIS A 2 6.62 -0.75 18.73
N LEU A 3 6.77 -1.67 17.80
CA LEU A 3 5.79 -2.74 17.56
C LEU A 3 4.49 -2.17 16.99
N LEU A 4 3.76 -1.43 17.81
CA LEU A 4 2.50 -0.81 17.36
C LEU A 4 2.77 0.06 16.14
N ARG A 5 3.80 0.89 16.23
CA ARG A 5 4.19 1.75 15.12
C ARG A 5 4.62 0.91 13.92
N GLU A 6 5.36 -0.16 14.20
CA GLU A 6 5.82 -1.06 13.17
C GLU A 6 4.65 -1.72 12.46
N VAL A 7 3.61 -2.04 13.23
CA VAL A 7 2.41 -2.65 12.68
C VAL A 7 1.66 -1.67 11.80
N LEU A 8 1.47 -0.44 12.31
CA LEU A 8 0.79 0.59 11.54
C LEU A 8 1.68 1.06 10.38
N GLU A 9 2.99 0.85 10.52
CA GLU A 9 3.94 1.20 9.49
C GLU A 9 3.94 0.12 8.41
N ALA A 11 1.32 -1.55 7.46
CA ALA A 11 0.15 -1.27 6.65
C ALA A 11 0.35 0.03 5.88
N ARG A 12 1.30 0.85 6.34
CA ARG A 12 1.62 2.12 5.70
C ARG A 12 2.70 1.91 4.65
N ALA A 13 2.68 2.73 3.60
CA ALA A 13 3.67 2.63 2.53
C ALA A 13 3.58 1.30 1.76
N GLU A 14 3.69 0.19 2.48
CA GLU A 14 3.61 -1.14 1.86
C GLU A 14 2.31 -1.32 1.11
N GLN A 15 1.18 -1.31 1.82
CA GLN A 15 -0.11 -1.46 1.20
C GLN A 15 -0.19 -0.70 -0.12
N LEU A 16 0.04 0.60 -0.07
CA LEU A 16 -0.01 1.43 -1.27
C LEU A 16 1.11 1.05 -2.24
N ALA A 17 2.35 0.97 -1.75
CA ALA A 17 3.45 0.58 -2.63
C ALA A 17 3.10 -0.70 -3.37
N GLN A 18 2.46 -1.63 -2.67
CA GLN A 18 2.02 -2.89 -3.27
C GLN A 18 0.77 -2.69 -4.11
N GLU A 19 -0.18 -1.91 -3.58
CA GLU A 19 -1.43 -1.63 -4.28
C GLU A 19 -1.22 -0.76 -5.49
N ALA A 20 -0.28 0.17 -5.41
CA ALA A 20 0.01 1.04 -6.54
C ALA A 20 0.31 0.19 -7.77
N HIS A 21 0.99 -0.93 -7.57
CA HIS A 21 1.29 -1.86 -8.65
C HIS A 21 0.00 -2.35 -9.32
N LYS A 22 -1.10 -2.37 -8.56
CA LYS A 22 -2.39 -2.77 -9.08
C LYS A 22 -3.19 -1.52 -9.43
N ASN A 23 -3.18 -0.56 -8.51
CA ASN A 23 -3.88 0.71 -8.71
C ASN A 23 -3.45 1.37 -10.02
N ARG A 24 -2.15 1.38 -10.28
CA ARG A 24 -1.61 1.96 -11.50
C ARG A 24 -2.21 1.29 -12.74
N LYS A 25 -2.61 0.03 -12.60
CA LYS A 25 -3.20 -0.74 -13.70
C LYS A 25 -4.67 -0.39 -13.90
N LEU A 26 -5.41 -0.36 -12.80
CA LEU A 26 -6.85 -0.04 -12.84
C LEU A 26 -7.13 1.18 -13.71
N GLU A 28 -6.21 1.79 -16.56
CA GLU A 28 -6.48 1.37 -17.94
C GLU A 28 -7.97 1.09 -18.13
N ILE A 29 -8.62 0.67 -17.04
CA ILE A 29 -10.05 0.37 -17.06
C ILE A 29 -10.86 1.53 -16.48
N ILE A 30 -10.27 2.26 -15.52
CA ILE A 30 -10.92 3.39 -14.87
C ILE A 30 -12.35 3.05 -14.43
N HIS A 2 8.82 0.58 20.70
CA HIS A 2 7.83 0.83 19.66
C HIS A 2 7.34 -0.48 19.06
N LEU A 3 6.08 -0.50 18.67
CA LEU A 3 5.47 -1.68 18.08
C LEU A 3 4.21 -1.32 17.28
N LEU A 4 3.23 -0.72 17.95
CA LEU A 4 1.98 -0.31 17.30
C LEU A 4 2.28 0.43 16.00
N ARG A 5 3.04 1.52 16.11
CA ARG A 5 3.41 2.31 14.93
C ARG A 5 4.11 1.45 13.90
N GLU A 6 5.07 0.63 14.35
CA GLU A 6 5.79 -0.26 13.46
C GLU A 6 4.81 -1.10 12.63
N VAL A 7 3.77 -1.59 13.30
CA VAL A 7 2.75 -2.38 12.62
C VAL A 7 1.89 -1.49 11.75
N LEU A 8 1.52 -0.32 12.27
CA LEU A 8 0.74 0.64 11.50
C LEU A 8 1.54 1.09 10.28
N GLU A 9 2.85 1.17 10.44
CA GLU A 9 3.75 1.54 9.36
C GLU A 9 3.96 0.36 8.43
N ALA A 11 1.60 -1.79 7.68
CA ALA A 11 0.41 -1.77 6.82
C ALA A 11 0.47 -0.54 5.92
N ARG A 12 0.96 0.57 6.47
CA ARG A 12 1.11 1.82 5.73
C ARG A 12 2.15 1.66 4.62
N ALA A 13 2.06 2.50 3.59
CA ALA A 13 3.00 2.44 2.47
C ALA A 13 2.82 1.14 1.68
N GLU A 14 3.03 0.02 2.35
CA GLU A 14 2.88 -1.31 1.74
C GLU A 14 1.51 -1.44 1.08
N GLN A 15 0.45 -1.11 1.84
CA GLN A 15 -0.93 -1.18 1.33
C GLN A 15 -1.09 -0.40 0.02
N LEU A 16 -0.21 0.59 -0.22
CA LEU A 16 -0.26 1.38 -1.44
C LEU A 16 0.86 0.99 -2.41
N ALA A 17 2.08 0.84 -1.89
CA ALA A 17 3.20 0.45 -2.74
C ALA A 17 2.85 -0.78 -3.57
N GLN A 18 2.11 -1.71 -2.96
CA GLN A 18 1.67 -2.92 -3.66
C GLN A 18 0.42 -2.61 -4.50
N GLU A 19 -0.48 -1.81 -3.93
CA GLU A 19 -1.70 -1.41 -4.61
C GLU A 19 -1.40 -0.52 -5.81
N ALA A 20 -0.41 0.35 -5.68
CA ALA A 20 -0.03 1.23 -6.78
C ALA A 20 0.31 0.40 -8.02
N HIS A 21 1.03 -0.70 -7.80
CA HIS A 21 1.39 -1.61 -8.87
C HIS A 21 0.12 -2.18 -9.53
N LYS A 22 -0.97 -2.22 -8.76
CA LYS A 22 -2.26 -2.70 -9.24
C LYS A 22 -3.05 -1.53 -9.80
N ASN A 23 -3.21 -0.49 -8.98
CA ASN A 23 -3.94 0.71 -9.37
C ASN A 23 -3.45 1.22 -10.72
N ARG A 24 -2.12 1.29 -10.89
CA ARG A 24 -1.53 1.74 -12.14
C ARG A 24 -2.05 0.92 -13.33
N LYS A 25 -2.42 -0.34 -13.07
CA LYS A 25 -2.95 -1.21 -14.11
C LYS A 25 -4.42 -0.91 -14.35
N LEU A 26 -5.20 -0.88 -13.26
CA LEU A 26 -6.63 -0.59 -13.35
C LEU A 26 -6.87 0.79 -13.98
N GLU A 28 -6.04 1.82 -16.71
CA GLU A 28 -6.39 1.66 -18.12
C GLU A 28 -7.90 1.46 -18.27
N ILE A 29 -8.53 0.91 -17.23
CA ILE A 29 -9.97 0.67 -17.22
C ILE A 29 -10.72 1.72 -16.39
N ILE A 30 -10.06 2.28 -15.38
CA ILE A 30 -10.66 3.28 -14.51
C ILE A 30 -11.13 4.51 -15.30
N HIS A 2 6.94 1.16 21.05
CA HIS A 2 7.59 0.33 20.04
C HIS A 2 6.64 -0.74 19.50
N LEU A 3 7.10 -1.43 18.46
CA LEU A 3 6.34 -2.50 17.82
C LEU A 3 5.11 -1.95 17.08
N LEU A 4 4.20 -1.33 17.83
CA LEU A 4 2.98 -0.74 17.25
C LEU A 4 3.31 0.14 16.04
N ARG A 5 4.31 1.01 16.20
CA ARG A 5 4.72 1.91 15.12
C ARG A 5 5.19 1.11 13.90
N GLU A 6 5.92 0.04 14.13
CA GLU A 6 6.39 -0.82 13.04
C GLU A 6 5.20 -1.48 12.35
N VAL A 7 4.21 -1.86 13.14
CA VAL A 7 3.01 -2.49 12.62
C VAL A 7 2.18 -1.51 11.80
N LEU A 8 1.98 -0.30 12.33
CA LEU A 8 1.21 0.72 11.61
C LEU A 8 1.99 1.17 10.38
N GLU A 9 3.31 1.04 10.42
CA GLU A 9 4.16 1.39 9.30
C GLU A 9 4.22 0.22 8.33
N ALA A 11 1.70 -1.75 7.65
CA ALA A 11 0.50 -1.62 6.84
C ALA A 11 0.61 -0.38 5.95
N ARG A 12 1.37 0.61 6.43
CA ARG A 12 1.60 1.85 5.71
C ARG A 12 2.57 1.62 4.56
N ALA A 13 2.49 2.48 3.53
CA ALA A 13 3.38 2.35 2.37
C ALA A 13 3.11 1.05 1.60
N GLU A 14 3.26 -0.08 2.28
CA GLU A 14 3.02 -1.40 1.68
C GLU A 14 1.64 -1.45 1.01
N GLN A 15 0.60 -1.09 1.78
CA GLN A 15 -0.77 -1.09 1.25
C GLN A 15 -0.89 -0.28 -0.04
N LEU A 16 0.02 0.67 -0.25
CA LEU A 16 0.03 1.49 -1.45
C LEU A 16 1.06 0.99 -2.44
N ALA A 17 2.29 0.75 -1.97
CA ALA A 17 3.34 0.23 -2.84
C ALA A 17 2.86 -1.00 -3.60
N GLN A 18 2.05 -1.83 -2.93
CA GLN A 18 1.49 -3.02 -3.57
C GLN A 18 0.26 -2.66 -4.40
N GLU A 19 -0.57 -1.76 -3.86
CA GLU A 19 -1.78 -1.31 -4.54
C GLU A 19 -1.47 -0.42 -5.73
N ALA A 20 -0.40 0.37 -5.66
CA ALA A 20 -0.04 1.22 -6.79
C ALA A 20 0.22 0.39 -8.03
N HIS A 21 0.78 -0.80 -7.84
CA HIS A 21 1.04 -1.70 -8.95
C HIS A 21 -0.28 -2.28 -9.50
N LYS A 22 -1.33 -2.28 -8.66
CA LYS A 22 -2.64 -2.79 -9.08
C LYS A 22 -3.57 -1.64 -9.47
N ASN A 23 -3.54 -0.55 -8.70
CA ASN A 23 -4.37 0.61 -9.00
C ASN A 23 -4.02 1.17 -10.37
N ARG A 24 -2.71 1.28 -10.66
CA ARG A 24 -2.27 1.78 -11.96
C ARG A 24 -2.92 0.98 -13.09
N LYS A 25 -3.17 -0.31 -12.83
CA LYS A 25 -3.80 -1.16 -13.83
C LYS A 25 -5.27 -0.81 -13.96
N LEU A 26 -5.99 -0.83 -12.85
CA LEU A 26 -7.40 -0.46 -12.86
C LEU A 26 -7.54 0.97 -13.37
N GLU A 28 -5.65 2.11 -15.76
CA GLU A 28 -5.39 2.02 -17.18
C GLU A 28 -6.71 1.80 -17.91
N ILE A 29 -7.59 1.00 -17.29
CA ILE A 29 -8.90 0.72 -17.85
C ILE A 29 -9.90 1.79 -17.39
N ILE A 30 -9.72 2.28 -16.17
CA ILE A 30 -10.59 3.31 -15.62
C ILE A 30 -9.76 4.50 -15.12
#